data_2Y5H
#
_entry.id   2Y5H
#
_cell.length_a   48.888
_cell.length_b   74.644
_cell.length_c   77.082
_cell.angle_alpha   90.00
_cell.angle_beta   90.00
_cell.angle_gamma   90.00
#
_symmetry.space_group_name_H-M   'P 21 21 21'
#
loop_
_entity.id
_entity.type
_entity.pdbx_description
1 polymer 'ACTIVATED FACTOR XA HEAVY CHAIN'
2 polymer 'FACTOR X LIGHT CHAIN'
3 non-polymer 3-[(3AS,4R,5S,8AS,8BR)-4-[2-(5-CHLOROTHIOPHEN-2-YL)-1,3-OXAZOL-4-YL]-1,3-DIOXO-4,6,7,8,8A,8B-HEXAHYDRO-3AH-PYRROLO[3,4-A]PYRROLIZIN-2-YL]PROPYL-TRIMETHYL-AZANIUM
4 non-polymer 'SODIUM ION'
5 water water
#
loop_
_entity_poly.entity_id
_entity_poly.type
_entity_poly.pdbx_seq_one_letter_code
_entity_poly.pdbx_strand_id
1 'polypeptide(L)'
;IVGGQECKDGECPWQALLINEENEGFCGGTILSEFYILTAAHCLYQAKRFKVRVGDRNTEQEEGGEAVHEVEVVIKHNRF
TKETYDFDIAVLRLKTPITFRMNVAPACLPERDWAESTLMTQKTGIVSGFGRTHEKGEQSTRLKMLEVPYVDRNSCKLSS
SFIITQNMFCAGYDTKQEDACQGDSGGPHVTRFKDTYFVTGIVSWGEGCARKGKYGIYTKVTAFLKWIDRSMKT
;
A
2 'polypeptide(L)' KLCSLDNGDCDQFCHEEQNSVVCSCARGYTLADNGKACIPTGPYPCGKQTLERR L
#
loop_
_chem_comp.id
_chem_comp.type
_chem_comp.name
_chem_comp.formula
NA non-polymer 'SODIUM ION' 'Na 1'
Y5H non-polymer 3-[(3AS,4R,5S,8AS,8BR)-4-[2-(5-CHLOROTHIOPHEN-2-YL)-1,3-OXAZOL-4-YL]-1,3-DIOXO-4,6,7,8,8A,8B-HEXAHYDRO-3AH-PYRROLO[3,4-A]PYRROLIZIN-2-YL]PROPYL-TRIMETHYL-AZANIUM 'C22 H28 Cl N4 O3 S 1'
#
# COMPACT_ATOMS: atom_id res chain seq x y z
N ILE A 1 -3.19 11.88 -6.50
CA ILE A 1 -2.84 12.51 -5.19
C ILE A 1 -3.06 14.02 -5.25
N VAL A 2 -3.88 14.53 -4.32
CA VAL A 2 -4.14 15.95 -4.17
C VAL A 2 -3.22 16.46 -3.06
N GLY A 3 -2.44 17.49 -3.37
CA GLY A 3 -1.43 17.93 -2.43
C GLY A 3 -0.24 16.98 -2.41
N GLY A 4 0.41 16.83 -1.26
CA GLY A 4 1.56 15.96 -1.18
C GLY A 4 2.74 16.46 -2.00
N GLN A 5 3.55 15.52 -2.47
CA GLN A 5 4.77 15.84 -3.20
CA GLN A 5 4.72 15.88 -3.26
C GLN A 5 5.11 14.77 -4.21
N GLU A 6 5.97 15.10 -5.17
CA GLU A 6 6.49 14.10 -6.07
C GLU A 6 7.35 13.11 -5.28
N CYS A 7 7.20 11.81 -5.54
N CYS A 7 7.23 11.83 -5.57
CA CYS A 7 8.11 10.79 -4.95
CA CYS A 7 8.04 10.85 -4.90
C CYS A 7 9.50 11.02 -5.47
C CYS A 7 9.47 10.87 -5.46
N LYS A 8 10.45 11.00 -4.57
CA LYS A 8 11.85 11.10 -4.94
C LYS A 8 12.37 9.76 -5.47
N ASP A 9 13.44 9.82 -6.26
CA ASP A 9 14.01 8.60 -6.84
C ASP A 9 14.26 7.57 -5.73
N GLY A 10 13.78 6.35 -5.94
CA GLY A 10 13.95 5.28 -4.98
C GLY A 10 13.03 5.25 -3.78
N GLU A 11 12.15 6.25 -3.65
CA GLU A 11 11.35 6.37 -2.42
C GLU A 11 9.99 5.68 -2.38
N CYS A 12 9.52 5.26 -3.54
CA CYS A 12 8.22 4.58 -3.68
C CYS A 12 8.39 3.32 -4.55
N PRO A 13 9.33 2.44 -4.19
CA PRO A 13 9.72 1.41 -5.19
C PRO A 13 8.72 0.27 -5.33
N TRP A 14 7.79 0.18 -4.37
CA TRP A 14 6.70 -0.81 -4.35
C TRP A 14 5.49 -0.37 -5.19
N GLN A 15 5.51 0.84 -5.75
CA GLN A 15 4.37 1.29 -6.56
C GLN A 15 4.30 0.52 -7.88
N ALA A 16 3.11 -0.02 -8.19
CA ALA A 16 2.82 -0.59 -9.50
C ALA A 16 1.71 0.22 -10.14
N LEU A 17 1.65 0.18 -11.47
CA LEU A 17 0.63 0.88 -12.23
C LEU A 17 -0.08 -0.12 -13.15
N LEU A 18 -1.40 -0.22 -13.03
CA LEU A 18 -2.18 -1.03 -13.96
C LEU A 18 -2.46 -0.20 -15.20
N ILE A 19 -2.19 -0.79 -16.36
CA ILE A 19 -2.29 -0.05 -17.62
C ILE A 19 -3.33 -0.74 -18.53
N ASN A 20 -4.30 0.05 -19.03
CA ASN A 20 -5.47 -0.45 -19.80
C ASN A 20 -5.17 -0.56 -21.27
N GLU A 21 -6.18 -0.84 -22.09
CA GLU A 21 -5.97 -1.15 -23.51
C GLU A 21 -5.50 0.06 -24.34
N GLU A 22 -4.45 0.74 -23.84
CA GLU A 22 -3.88 1.98 -24.39
C GLU A 22 -2.47 2.31 -23.81
N ASN A 23 -1.95 1.45 -22.94
CA ASN A 23 -0.86 1.85 -22.05
C ASN A 23 -1.23 3.16 -21.33
N GLU A 24 -2.47 3.27 -20.85
CA GLU A 24 -2.87 4.35 -19.95
C GLU A 24 -3.09 3.80 -18.53
N GLY A 25 -2.48 4.44 -17.54
CA GLY A 25 -2.68 4.04 -16.16
C GLY A 25 -4.09 4.38 -15.70
N PHE A 26 -4.73 3.44 -14.99
CA PHE A 26 -6.07 3.67 -14.45
C PHE A 26 -6.19 3.28 -12.97
N CYS A 27 -5.20 2.55 -12.43
CA CYS A 27 -5.22 2.15 -11.03
C CYS A 27 -3.79 1.85 -10.63
N GLY A 28 -3.57 1.83 -9.31
CA GLY A 28 -2.29 1.40 -8.76
C GLY A 28 -2.35 -0.03 -8.25
N GLY A 29 -1.21 -0.46 -7.75
CA GLY A 29 -1.01 -1.68 -7.04
C GLY A 29 0.25 -1.57 -6.20
N THR A 30 0.49 -2.59 -5.40
CA THR A 30 1.67 -2.71 -4.53
C THR A 30 2.42 -4.01 -4.84
N ILE A 31 3.72 -3.91 -5.06
CA ILE A 31 4.55 -5.06 -5.27
C ILE A 31 4.72 -5.78 -3.92
N LEU A 32 4.34 -7.07 -3.94
CA LEU A 32 4.50 -7.93 -2.75
C LEU A 32 5.69 -8.88 -2.85
N SER A 33 6.02 -9.32 -4.06
CA SER A 33 7.08 -10.30 -4.29
C SER A 33 7.37 -10.26 -5.78
N GLU A 34 8.28 -11.12 -6.23
CA GLU A 34 8.62 -11.11 -7.65
C GLU A 34 7.44 -11.46 -8.56
N PHE A 35 6.49 -12.22 -8.02
CA PHE A 35 5.36 -12.70 -8.80
C PHE A 35 3.99 -12.09 -8.47
N TYR A 36 3.85 -11.37 -7.35
CA TYR A 36 2.53 -10.94 -6.87
C TYR A 36 2.40 -9.43 -6.64
N ILE A 37 1.25 -8.91 -7.09
CA ILE A 37 0.86 -7.52 -6.91
C ILE A 37 -0.45 -7.49 -6.12
N LEU A 38 -0.54 -6.57 -5.17
CA LEU A 38 -1.75 -6.31 -4.42
C LEU A 38 -2.49 -5.13 -5.07
N THR A 39 -3.81 -5.28 -5.26
CA THR A 39 -4.61 -4.18 -5.78
C THR A 39 -6.02 -4.24 -5.21
N ALA A 40 -6.90 -3.34 -5.66
CA ALA A 40 -8.31 -3.30 -5.26
C ALA A 40 -9.13 -4.14 -6.25
N ALA A 41 -10.03 -4.94 -5.71
CA ALA A 41 -10.94 -5.74 -6.55
C ALA A 41 -11.78 -4.84 -7.47
N HIS A 42 -12.14 -3.65 -7.01
CA HIS A 42 -13.01 -2.77 -7.83
C HIS A 42 -12.29 -2.26 -9.09
N CYS A 43 -10.95 -2.28 -9.09
CA CYS A 43 -10.18 -1.91 -10.28
C CYS A 43 -10.34 -2.90 -11.45
N LEU A 44 -10.66 -4.15 -11.11
CA LEU A 44 -10.72 -5.23 -12.07
C LEU A 44 -11.89 -5.06 -13.06
N TYR A 45 -12.89 -4.25 -12.69
CA TYR A 45 -14.04 -3.95 -13.55
C TYR A 45 -13.83 -2.71 -14.44
N GLN A 46 -12.70 -2.01 -14.28
CA GLN A 46 -12.49 -0.70 -14.94
C GLN A 46 -11.77 -0.80 -16.28
N ALA A 47 -11.22 -1.97 -16.57
CA ALA A 47 -10.63 -2.26 -17.87
C ALA A 47 -10.88 -3.75 -18.16
N LYS A 48 -11.31 -4.06 -19.39
CA LYS A 48 -11.53 -5.44 -19.79
C LYS A 48 -10.24 -6.23 -19.71
N ARG A 49 -9.16 -5.61 -20.18
CA ARG A 49 -7.83 -6.21 -20.14
C ARG A 49 -6.82 -5.18 -19.64
N PHE A 50 -5.78 -5.65 -18.94
CA PHE A 50 -4.71 -4.76 -18.46
C PHE A 50 -3.40 -5.51 -18.17
N LYS A 51 -2.32 -4.74 -18.07
CA LYS A 51 -0.97 -5.22 -17.74
C LYS A 51 -0.48 -4.42 -16.53
N VAL A 52 0.68 -4.82 -15.99
CA VAL A 52 1.25 -4.14 -14.82
C VAL A 52 2.60 -3.55 -15.17
N ARG A 53 2.77 -2.25 -14.90
CA ARG A 53 4.07 -1.60 -15.04
C ARG A 53 4.70 -1.35 -13.67
N VAL A 54 6.00 -1.60 -13.59
CA VAL A 54 6.81 -1.33 -12.41
C VAL A 54 8.00 -0.46 -12.79
N GLY A 55 8.53 0.28 -11.82
CA GLY A 55 9.71 1.12 -12.01
C GLY A 55 9.47 2.49 -12.62
N ASP A 56 8.21 2.86 -12.82
CA ASP A 56 7.87 4.10 -13.48
C ASP A 56 7.70 5.21 -12.46
N ARG A 57 8.23 6.37 -12.78
CA ARG A 57 8.01 7.57 -12.02
C ARG A 57 7.42 8.68 -12.85
N ASN A 58 7.58 8.59 -14.17
CA ASN A 58 7.17 9.66 -15.07
C ASN A 58 6.62 8.97 -16.30
N THR A 59 5.31 9.02 -16.48
CA THR A 59 4.68 8.23 -17.53
C THR A 59 4.93 8.79 -18.94
N GLU A 60 5.52 9.99 -19.03
CA GLU A 60 5.83 10.62 -20.31
C GLU A 60 7.31 10.53 -20.67
N GLN A 61 8.10 9.81 -19.88
CA GLN A 61 9.52 9.67 -20.17
C GLN A 61 9.85 8.19 -20.11
N GLU A 62 10.55 7.70 -21.14
CA GLU A 62 11.14 6.36 -21.08
C GLU A 62 12.49 6.49 -20.39
N GLU A 63 12.52 6.30 -19.08
CA GLU A 63 13.75 6.41 -18.29
CA GLU A 63 13.76 6.42 -18.32
C GLU A 63 14.70 5.30 -18.68
N GLY A 64 14.17 4.08 -18.78
CA GLY A 64 14.98 2.91 -19.12
C GLY A 64 14.84 1.77 -18.13
N GLY A 65 14.43 2.07 -16.90
CA GLY A 65 14.30 1.05 -15.84
C GLY A 65 12.90 0.46 -15.66
N GLU A 66 11.94 0.98 -16.41
CA GLU A 66 10.57 0.50 -16.34
C GLU A 66 10.42 -0.88 -17.00
N ALA A 67 9.49 -1.67 -16.50
CA ALA A 67 9.18 -2.96 -17.12
C ALA A 67 7.69 -3.24 -17.01
N VAL A 68 7.15 -3.87 -18.03
CA VAL A 68 5.75 -4.28 -18.09
C VAL A 68 5.65 -5.80 -17.95
N HIS A 69 4.70 -6.25 -17.14
CA HIS A 69 4.40 -7.65 -16.92
C HIS A 69 2.94 -7.95 -17.21
N GLU A 70 2.72 -9.08 -17.89
CA GLU A 70 1.37 -9.60 -18.10
C GLU A 70 0.87 -10.34 -16.87
N VAL A 71 -0.45 -10.36 -16.70
CA VAL A 71 -1.09 -11.05 -15.57
C VAL A 71 -1.46 -12.48 -15.97
N GLU A 72 -0.99 -13.44 -15.17
CA GLU A 72 -1.32 -14.86 -15.36
C GLU A 72 -2.62 -15.25 -14.68
N VAL A 73 -2.80 -14.82 -13.43
CA VAL A 73 -3.98 -15.17 -12.61
C VAL A 73 -4.42 -13.95 -11.84
N VAL A 74 -5.72 -13.71 -11.82
CA VAL A 74 -6.37 -12.71 -10.98
C VAL A 74 -7.04 -13.48 -9.85
N ILE A 75 -6.73 -13.10 -8.61
CA ILE A 75 -7.34 -13.68 -7.44
C ILE A 75 -8.09 -12.57 -6.72
N LYS A 76 -9.39 -12.50 -7.00
N LYS A 76 -9.39 -12.50 -7.00
CA LYS A 76 -10.28 -11.51 -6.42
CA LYS A 76 -10.28 -11.49 -6.43
C LYS A 76 -10.83 -12.09 -5.13
C LYS A 76 -10.91 -12.05 -5.18
N HIS A 77 -11.06 -11.25 -4.13
CA HIS A 77 -11.72 -11.74 -2.92
C HIS A 77 -13.15 -12.16 -3.28
N ASN A 78 -13.52 -13.37 -2.85
N ASN A 78 -13.50 -13.39 -2.88
CA ASN A 78 -14.83 -13.92 -3.20
CA ASN A 78 -14.82 -13.94 -3.20
C ASN A 78 -16.03 -13.30 -2.49
C ASN A 78 -16.00 -13.12 -2.66
N ARG A 79 -15.78 -12.33 -1.60
CA ARG A 79 -16.84 -11.56 -0.95
CA ARG A 79 -16.85 -11.57 -0.96
C ARG A 79 -16.84 -10.10 -1.40
N PHE A 80 -16.01 -9.75 -2.37
CA PHE A 80 -16.03 -8.40 -2.89
C PHE A 80 -17.45 -8.09 -3.39
N THR A 81 -17.90 -6.88 -3.05
CA THR A 81 -19.19 -6.35 -3.43
C THR A 81 -19.06 -4.95 -3.99
N LYS A 82 -19.49 -4.75 -5.25
CA LYS A 82 -19.44 -3.42 -5.89
C LYS A 82 -20.38 -2.42 -5.23
N GLU A 83 -21.41 -2.91 -4.58
CA GLU A 83 -22.40 -2.03 -3.96
C GLU A 83 -21.82 -1.21 -2.82
N THR A 84 -20.98 -1.82 -2.00
CA THR A 84 -20.41 -1.12 -0.84
C THR A 84 -18.89 -1.00 -0.89
N TYR A 85 -18.26 -1.65 -1.88
CA TYR A 85 -16.81 -1.88 -1.91
C TYR A 85 -16.28 -2.67 -0.72
N ASP A 86 -17.13 -3.39 -0.01
CA ASP A 86 -16.62 -4.29 1.02
C ASP A 86 -15.73 -5.37 0.40
N PHE A 87 -14.71 -5.79 1.15
CA PHE A 87 -13.73 -6.79 0.70
C PHE A 87 -13.03 -6.35 -0.60
N ASP A 88 -12.57 -5.10 -0.64
CA ASP A 88 -11.99 -4.53 -1.86
C ASP A 88 -10.50 -4.88 -1.95
N ILE A 89 -10.24 -6.11 -2.35
CA ILE A 89 -8.88 -6.62 -2.39
C ILE A 89 -8.77 -7.72 -3.46
N ALA A 90 -7.64 -7.69 -4.15
CA ALA A 90 -7.25 -8.70 -5.12
C ALA A 90 -5.73 -8.83 -5.14
N VAL A 91 -5.28 -10.03 -5.50
CA VAL A 91 -3.87 -10.30 -5.77
C VAL A 91 -3.76 -10.75 -7.23
N LEU A 92 -2.72 -10.25 -7.91
CA LEU A 92 -2.40 -10.65 -9.28
C LEU A 92 -1.11 -11.44 -9.26
N ARG A 93 -1.12 -12.60 -9.90
CA ARG A 93 0.11 -13.33 -10.19
C ARG A 93 0.54 -12.97 -11.59
N LEU A 94 1.80 -12.59 -11.74
CA LEU A 94 2.37 -12.23 -13.02
C LEU A 94 2.87 -13.45 -13.78
N LYS A 95 2.86 -13.32 -15.09
CA LYS A 95 3.35 -14.39 -15.97
C LYS A 95 4.88 -14.55 -15.90
N THR A 96 5.59 -13.43 -15.70
CA THR A 96 7.03 -13.41 -15.60
C THR A 96 7.43 -12.64 -14.33
N PRO A 97 8.54 -13.03 -13.68
CA PRO A 97 8.91 -12.42 -12.43
C PRO A 97 9.55 -11.05 -12.55
N ILE A 98 9.23 -10.18 -11.61
CA ILE A 98 9.91 -8.89 -11.49
C ILE A 98 11.36 -9.06 -11.06
N THR A 99 12.24 -8.30 -11.71
CA THR A 99 13.63 -8.17 -11.27
C THR A 99 13.77 -6.93 -10.39
N PHE A 100 14.01 -7.13 -9.10
CA PHE A 100 14.17 -5.98 -8.22
C PHE A 100 15.42 -5.18 -8.57
N ARG A 101 15.31 -3.85 -8.43
CA ARG A 101 16.33 -2.94 -8.90
C ARG A 101 15.96 -1.55 -8.43
N MET A 102 16.71 -0.54 -8.83
CA MET A 102 16.34 0.83 -8.50
C MET A 102 14.86 1.09 -8.84
N ASN A 103 14.10 1.63 -7.86
CA ASN A 103 12.65 1.91 -8.02
C ASN A 103 11.74 0.71 -8.20
N VAL A 104 12.23 -0.48 -7.89
CA VAL A 104 11.45 -1.70 -8.00
C VAL A 104 11.78 -2.65 -6.84
N ALA A 105 10.96 -2.65 -5.78
CA ALA A 105 11.19 -3.50 -4.62
C ALA A 105 9.84 -3.71 -3.93
N PRO A 106 9.67 -4.82 -3.21
CA PRO A 106 8.41 -5.07 -2.54
C PRO A 106 8.27 -4.28 -1.22
N ALA A 107 7.01 -4.04 -0.86
CA ALA A 107 6.64 -3.58 0.47
C ALA A 107 6.52 -4.81 1.39
N CYS A 108 6.75 -4.64 2.68
CA CYS A 108 6.67 -5.79 3.61
C CYS A 108 5.24 -6.04 4.09
N LEU A 109 4.88 -7.32 4.20
CA LEU A 109 3.65 -7.74 4.85
C LEU A 109 3.92 -7.93 6.33
N PRO A 110 3.19 -7.23 7.20
CA PRO A 110 3.46 -7.35 8.63
C PRO A 110 2.71 -8.54 9.22
N GLU A 111 3.16 -8.99 10.38
CA GLU A 111 2.35 -9.89 11.22
C GLU A 111 1.13 -9.15 11.77
N ARG A 112 -0.02 -9.82 11.82
CA ARG A 112 -1.29 -9.12 12.10
C ARG A 112 -1.41 -8.42 13.46
N ASP A 113 -1.16 -9.17 14.52
CA ASP A 113 -1.34 -8.60 15.86
C ASP A 113 -0.41 -7.42 16.08
N TRP A 114 0.84 -7.55 15.63
CA TRP A 114 1.79 -6.46 15.74
C TRP A 114 1.38 -5.26 14.84
N ALA A 115 0.88 -5.53 13.63
CA ALA A 115 0.37 -4.46 12.79
C ALA A 115 -0.73 -3.66 13.51
N GLU A 116 -1.64 -4.37 14.16
CA GLU A 116 -2.73 -3.71 14.86
C GLU A 116 -2.25 -2.86 16.04
N SER A 117 -1.31 -3.39 16.82
CA SER A 117 -0.83 -2.68 18.02
C SER A 117 0.20 -1.61 17.76
N THR A 118 0.89 -1.70 16.63
CA THR A 118 2.10 -0.92 16.38
C THR A 118 2.05 -0.08 15.11
N LEU A 119 1.43 -0.59 14.04
CA LEU A 119 1.36 0.19 12.80
C LEU A 119 0.11 1.04 12.73
N MET A 120 -1.04 0.43 12.99
CA MET A 120 -2.32 1.12 12.90
C MET A 120 -2.49 2.19 14.00
N THR A 121 -1.60 2.16 15.01
CA THR A 121 -1.57 3.12 16.10
C THR A 121 -0.58 4.25 15.88
N GLN A 122 0.14 4.23 14.74
CA GLN A 122 1.01 5.35 14.38
C GLN A 122 0.14 6.56 14.05
N LYS A 123 0.74 7.73 14.04
CA LYS A 123 0.00 8.93 13.67
C LYS A 123 -0.43 8.94 12.20
N THR A 124 0.46 8.47 11.31
CA THR A 124 0.28 8.59 9.85
C THR A 124 0.74 7.34 9.11
N GLY A 125 0.23 7.23 7.89
CA GLY A 125 0.70 6.36 6.86
C GLY A 125 1.00 7.19 5.61
N ILE A 126 1.43 6.51 4.56
N ILE A 126 1.40 6.49 4.55
CA ILE A 126 1.78 7.14 3.31
CA ILE A 126 1.85 7.10 3.31
C ILE A 126 1.01 6.48 2.19
C ILE A 126 1.09 6.48 2.14
N VAL A 127 0.40 7.31 1.35
CA VAL A 127 -0.30 6.86 0.17
C VAL A 127 0.42 7.43 -1.07
N SER A 128 0.42 6.68 -2.17
CA SER A 128 1.12 7.14 -3.37
C SER A 128 0.35 6.75 -4.61
N GLY A 129 0.66 7.42 -5.72
CA GLY A 129 0.09 7.06 -6.99
C GLY A 129 0.15 8.15 -8.05
N PHE A 130 -0.40 7.79 -9.21
CA PHE A 130 -0.46 8.63 -10.41
C PHE A 130 -1.85 9.22 -10.65
N GLY A 131 -2.68 9.23 -9.62
CA GLY A 131 -4.05 9.66 -9.75
C GLY A 131 -4.22 11.17 -9.89
N ARG A 132 -5.47 11.59 -9.94
CA ARG A 132 -5.77 13.00 -10.19
C ARG A 132 -5.18 13.90 -9.11
N THR A 133 -4.80 15.11 -9.52
CA THR A 133 -4.17 16.10 -8.61
C THR A 133 -5.20 17.05 -7.95
N HIS A 134 -6.44 16.97 -8.41
CA HIS A 134 -7.63 17.52 -7.76
C HIS A 134 -8.86 16.74 -8.30
N GLU A 135 -10.00 16.81 -7.57
CA GLU A 135 -11.16 15.97 -7.85
C GLU A 135 -11.58 15.97 -9.33
N LYS A 136 -11.62 17.15 -9.95
CA LYS A 136 -12.12 17.29 -11.33
C LYS A 136 -10.98 17.43 -12.32
N GLY A 137 -9.77 17.11 -11.87
CA GLY A 137 -8.58 17.27 -12.68
C GLY A 137 -8.21 16.04 -13.46
N GLU A 138 -6.96 16.03 -13.86
CA GLU A 138 -6.42 14.95 -14.63
C GLU A 138 -5.38 14.24 -13.81
N GLN A 139 -5.04 13.05 -14.27
CA GLN A 139 -3.99 12.28 -13.66
C GLN A 139 -2.62 12.93 -13.71
N SER A 140 -1.82 12.71 -12.67
CA SER A 140 -0.44 13.16 -12.64
C SER A 140 0.39 12.28 -13.59
N THR A 141 1.27 12.89 -14.34
CA THR A 141 2.23 12.12 -15.11
C THR A 141 3.41 11.74 -14.25
N ARG A 142 3.49 12.30 -13.05
CA ARG A 142 4.58 11.98 -12.13
C ARG A 142 4.04 11.32 -10.86
N LEU A 143 4.77 10.33 -10.36
CA LEU A 143 4.38 9.62 -9.17
C LEU A 143 4.45 10.55 -7.97
N LYS A 144 3.35 10.62 -7.20
CA LYS A 144 3.27 11.43 -6.02
C LYS A 144 3.05 10.57 -4.76
N MET A 145 3.39 11.13 -3.62
N MET A 145 3.40 11.15 -3.62
CA MET A 145 3.07 10.53 -2.34
CA MET A 145 3.21 10.55 -2.31
C MET A 145 2.54 11.60 -1.40
C MET A 145 2.71 11.59 -1.31
N LEU A 146 1.96 11.11 -0.32
CA LEU A 146 1.26 11.95 0.63
C LEU A 146 1.19 11.26 1.98
N GLU A 147 1.58 11.98 3.03
CA GLU A 147 1.41 11.50 4.37
C GLU A 147 -0.04 11.76 4.81
N VAL A 148 -0.72 10.71 5.24
CA VAL A 148 -2.11 10.82 5.63
C VAL A 148 -2.32 10.34 7.07
N PRO A 149 -2.85 11.19 7.94
CA PRO A 149 -3.15 10.75 9.29
C PRO A 149 -4.17 9.59 9.34
N TYR A 150 -3.98 8.63 10.23
CA TYR A 150 -5.05 7.70 10.57
C TYR A 150 -6.19 8.48 11.25
N VAL A 151 -7.42 8.12 10.90
CA VAL A 151 -8.63 8.75 11.40
C VAL A 151 -9.40 7.71 12.18
N ASP A 152 -9.86 8.05 13.38
CA ASP A 152 -10.49 7.02 14.20
C ASP A 152 -11.84 6.57 13.59
N ARG A 153 -12.22 5.33 13.86
CA ARG A 153 -13.35 4.70 13.21
C ARG A 153 -14.68 5.43 13.48
N ASN A 154 -14.92 5.87 14.72
CA ASN A 154 -16.16 6.59 15.00
C ASN A 154 -16.30 7.87 14.17
N SER A 155 -15.21 8.63 14.08
CA SER A 155 -15.19 9.85 13.24
C SER A 155 -15.42 9.50 11.78
N CYS A 156 -14.77 8.41 11.36
N CYS A 156 -14.82 8.43 11.31
CA CYS A 156 -14.88 7.85 9.99
CA CYS A 156 -15.03 8.10 9.94
C CYS A 156 -16.34 7.59 9.59
C CYS A 156 -16.46 7.70 9.61
N LYS A 157 -17.04 6.84 10.44
CA LYS A 157 -18.44 6.46 10.19
C LYS A 157 -19.36 7.70 10.15
N LEU A 158 -19.15 8.62 11.09
CA LEU A 158 -20.00 9.83 11.15
C LEU A 158 -19.82 10.69 9.92
N SER A 159 -18.60 10.70 9.37
CA SER A 159 -18.30 11.50 8.18
C SER A 159 -18.86 10.96 6.87
N SER A 160 -19.24 9.69 6.84
CA SER A 160 -19.49 9.03 5.59
C SER A 160 -20.96 8.86 5.29
N SER A 161 -21.32 9.04 4.02
CA SER A 161 -22.70 8.83 3.55
C SER A 161 -22.98 7.37 3.28
N PHE A 162 -21.94 6.55 3.34
CA PHE A 162 -22.02 5.13 2.99
C PHE A 162 -21.39 4.32 4.10
N ILE A 163 -21.79 3.05 4.18
CA ILE A 163 -21.32 2.19 5.24
C ILE A 163 -19.78 2.05 5.22
N ILE A 164 -19.18 2.17 6.41
CA ILE A 164 -17.76 1.88 6.62
C ILE A 164 -17.72 0.54 7.39
N THR A 165 -17.38 -0.53 6.69
CA THR A 165 -17.31 -1.86 7.30
C THR A 165 -16.01 -2.06 8.09
N GLN A 166 -15.88 -3.15 8.84
N GLN A 166 -15.92 -3.17 8.81
CA GLN A 166 -14.62 -3.37 9.55
CA GLN A 166 -14.70 -3.51 9.54
C GLN A 166 -13.49 -3.86 8.64
C GLN A 166 -13.50 -3.75 8.64
N ASN A 167 -13.77 -3.94 7.35
CA ASN A 167 -12.72 -4.18 6.34
C ASN A 167 -12.19 -2.91 5.70
N MET A 168 -12.54 -1.76 6.30
CA MET A 168 -12.19 -0.43 5.80
C MET A 168 -11.65 0.42 6.93
N PHE A 169 -10.80 1.37 6.59
CA PHE A 169 -10.46 2.46 7.50
C PHE A 169 -10.32 3.79 6.78
N CYS A 170 -10.53 4.89 7.53
N CYS A 170 -10.29 4.87 7.54
CA CYS A 170 -10.34 6.28 7.02
CA CYS A 170 -10.22 6.16 6.95
C CYS A 170 -8.90 6.74 7.27
C CYS A 170 -8.93 6.82 7.32
N ALA A 171 -8.40 7.55 6.34
CA ALA A 171 -7.17 8.29 6.53
C ALA A 171 -7.25 9.59 5.75
N GLY A 172 -6.50 10.56 6.20
CA GLY A 172 -6.47 11.88 5.55
C GLY A 172 -6.87 13.00 6.51
N TYR A 173 -7.53 14.02 5.95
CA TYR A 173 -7.79 15.27 6.65
C TYR A 173 -9.25 15.70 6.49
N ASP A 174 -9.77 16.31 7.56
CA ASP A 174 -11.13 16.85 7.56
C ASP A 174 -11.29 17.93 6.52
N THR A 175 -10.54 19.01 6.69
CA THR A 175 -10.63 20.16 5.79
C THR A 175 -9.38 20.47 4.98
N LYS A 176 -8.20 20.07 5.45
CA LYS A 176 -6.97 20.35 4.69
C LYS A 176 -7.11 19.64 3.35
N GLN A 177 -6.73 20.35 2.29
N GLN A 177 -6.84 20.32 2.24
CA GLN A 177 -6.91 19.91 0.91
CA GLN A 177 -7.15 19.73 0.95
C GLN A 177 -5.80 18.96 0.44
C GLN A 177 -5.97 18.92 0.40
N GLU A 178 -5.78 17.77 1.04
CA GLU A 178 -4.84 16.73 0.63
C GLU A 178 -5.57 15.41 0.78
N ASP A 179 -5.40 14.53 -0.19
CA ASP A 179 -6.11 13.22 -0.23
C ASP A 179 -5.56 12.40 -1.36
N ALA A 180 -5.85 11.09 -1.32
CA ALA A 180 -5.79 10.31 -2.56
C ALA A 180 -6.96 10.69 -3.45
N CYS A 181 -6.97 10.17 -4.68
CA CYS A 181 -8.04 10.45 -5.61
C CYS A 181 -8.17 9.35 -6.66
N GLN A 182 -9.18 9.47 -7.51
CA GLN A 182 -9.35 8.54 -8.61
C GLN A 182 -8.03 8.32 -9.37
N GLY A 183 -7.72 7.06 -9.67
CA GLY A 183 -6.47 6.72 -10.35
C GLY A 183 -5.38 6.28 -9.37
N ASP A 184 -5.48 6.75 -8.11
CA ASP A 184 -4.63 6.20 -7.04
C ASP A 184 -5.17 4.85 -6.58
N SER A 185 -6.48 4.67 -6.80
CA SER A 185 -7.26 3.45 -6.56
C SER A 185 -6.45 2.17 -6.77
N GLY A 186 -6.42 1.31 -5.75
CA GLY A 186 -5.68 0.06 -5.81
C GLY A 186 -4.24 0.13 -5.36
N GLY A 187 -3.72 1.35 -5.18
CA GLY A 187 -2.32 1.51 -4.85
C GLY A 187 -2.05 1.44 -3.37
N PRO A 188 -0.78 1.67 -3.01
CA PRO A 188 -0.30 1.38 -1.67
C PRO A 188 -0.66 2.44 -0.63
N HIS A 189 -1.04 1.94 0.54
CA HIS A 189 -0.98 2.69 1.79
C HIS A 189 -0.02 1.88 2.66
N VAL A 190 1.11 2.52 2.99
CA VAL A 190 2.14 1.87 3.78
C VAL A 190 2.38 2.66 5.06
N THR A 191 2.88 1.98 6.07
CA THR A 191 3.22 2.62 7.34
C THR A 191 4.68 2.34 7.65
N ARG A 192 5.41 3.41 7.97
CA ARG A 192 6.80 3.32 8.30
C ARG A 192 7.02 2.92 9.76
N PHE A 193 7.97 2.00 9.99
CA PHE A 193 8.40 1.68 11.34
C PHE A 193 9.91 1.47 11.30
N LYS A 194 10.66 2.32 12.00
CA LYS A 194 12.15 2.29 11.93
C LYS A 194 12.70 2.07 10.50
N ASP A 195 12.37 2.98 9.63
CA ASP A 195 12.85 2.97 8.23
C ASP A 195 12.50 1.76 7.35
N THR A 196 11.49 1.00 7.79
CA THR A 196 10.95 -0.08 7.01
C THR A 196 9.46 0.17 6.78
N TYR A 197 9.01 -0.04 5.55
CA TYR A 197 7.65 0.27 5.12
C TYR A 197 6.82 -0.98 4.97
N PHE A 198 5.71 -1.02 5.70
CA PHE A 198 4.81 -2.17 5.76
C PHE A 198 3.46 -1.85 5.12
N VAL A 199 2.91 -2.78 4.36
CA VAL A 199 1.61 -2.61 3.76
C VAL A 199 0.52 -2.59 4.82
N THR A 200 -0.25 -1.50 4.81
CA THR A 200 -1.34 -1.33 5.75
C THR A 200 -2.70 -1.06 5.11
N GLY A 201 -2.73 -0.63 3.85
CA GLY A 201 -3.98 -0.31 3.21
C GLY A 201 -3.90 -0.44 1.70
N ILE A 202 -5.06 -0.43 1.08
CA ILE A 202 -5.22 -0.32 -0.36
C ILE A 202 -6.18 0.87 -0.62
N VAL A 203 -5.80 1.79 -1.52
CA VAL A 203 -6.68 2.91 -1.84
C VAL A 203 -7.98 2.34 -2.39
N SER A 204 -9.11 2.66 -1.74
CA SER A 204 -10.37 2.03 -2.11
C SER A 204 -11.41 2.98 -2.68
N TRP A 205 -11.84 3.97 -1.89
CA TRP A 205 -12.89 4.87 -2.38
C TRP A 205 -12.92 6.16 -1.59
N GLY A 206 -13.61 7.14 -2.14
CA GLY A 206 -13.90 8.38 -1.46
C GLY A 206 -15.13 9.04 -2.07
N GLU A 207 -15.72 9.98 -1.34
CA GLU A 207 -16.80 10.82 -1.85
C GLU A 207 -16.12 12.07 -2.38
N GLY A 208 -15.84 12.08 -3.67
CA GLY A 208 -14.97 13.09 -4.24
C GLY A 208 -13.54 12.90 -3.75
N CYS A 209 -12.74 13.97 -3.84
CA CYS A 209 -11.36 13.95 -3.37
C CYS A 209 -11.08 15.21 -2.60
N ALA A 210 -10.52 15.09 -1.40
CA ALA A 210 -10.12 16.21 -0.58
C ALA A 210 -11.29 17.10 -0.19
N ARG A 211 -12.49 16.55 -0.15
CA ARG A 211 -13.67 17.32 0.28
C ARG A 211 -13.68 17.58 1.77
N LYS A 212 -14.20 18.73 2.15
CA LYS A 212 -14.34 19.10 3.54
C LYS A 212 -15.32 18.14 4.20
N GLY A 213 -14.91 17.60 5.35
CA GLY A 213 -15.72 16.63 6.07
C GLY A 213 -15.74 15.20 5.56
N LYS A 214 -14.92 14.90 4.56
CA LYS A 214 -14.75 13.57 4.03
C LYS A 214 -13.29 13.13 4.10
N TYR A 215 -13.12 11.83 4.21
CA TYR A 215 -11.79 11.20 4.28
C TYR A 215 -11.60 10.21 3.16
N GLY A 216 -10.35 9.82 2.93
CA GLY A 216 -10.10 8.72 2.02
C GLY A 216 -10.40 7.40 2.72
N ILE A 217 -10.97 6.45 1.97
CA ILE A 217 -11.31 5.13 2.52
C ILE A 217 -10.42 4.05 1.91
N TYR A 218 -9.84 3.26 2.79
CA TYR A 218 -8.85 2.26 2.45
C TYR A 218 -9.24 0.88 2.90
N THR A 219 -8.88 -0.12 2.12
CA THR A 219 -9.06 -1.47 2.53
C THR A 219 -8.10 -1.76 3.69
N LYS A 220 -8.63 -2.34 4.77
CA LYS A 220 -7.84 -2.62 5.98
C LYS A 220 -7.07 -3.92 5.81
N VAL A 221 -5.78 -3.78 5.45
CA VAL A 221 -5.00 -4.98 5.07
C VAL A 221 -4.83 -5.95 6.25
N THR A 222 -4.87 -5.48 7.49
CA THR A 222 -4.72 -6.39 8.62
C THR A 222 -5.81 -7.44 8.64
N ALA A 223 -6.99 -7.11 8.12
CA ALA A 223 -8.08 -8.06 8.06
C ALA A 223 -7.82 -9.16 7.03
N PHE A 224 -6.86 -8.95 6.12
CA PHE A 224 -6.64 -9.85 5.00
C PHE A 224 -5.25 -10.44 4.93
N LEU A 225 -4.46 -10.34 5.99
CA LEU A 225 -3.09 -10.85 5.94
C LEU A 225 -3.05 -12.38 5.74
N LYS A 226 -3.95 -13.11 6.38
CA LYS A 226 -4.01 -14.56 6.13
C LYS A 226 -4.49 -14.88 4.70
N TRP A 227 -5.49 -14.12 4.23
CA TRP A 227 -6.00 -14.27 2.87
C TRP A 227 -4.92 -13.99 1.81
N ILE A 228 -4.13 -12.96 2.05
CA ILE A 228 -3.01 -12.66 1.14
C ILE A 228 -2.01 -13.81 1.10
N ASP A 229 -1.64 -14.33 2.29
CA ASP A 229 -0.71 -15.42 2.35
C ASP A 229 -1.23 -16.63 1.55
N ARG A 230 -2.50 -16.96 1.73
CA ARG A 230 -3.08 -18.10 1.02
C ARG A 230 -3.08 -17.84 -0.50
N SER A 231 -3.42 -16.61 -0.89
CA SER A 231 -3.52 -16.25 -2.30
C SER A 231 -2.15 -16.35 -2.99
N MET A 232 -1.09 -16.08 -2.24
CA MET A 232 0.26 -16.18 -2.76
C MET A 232 0.87 -17.61 -2.70
N LYS A 233 0.13 -18.54 -2.10
CA LYS A 233 0.52 -19.93 -1.85
C LYS A 233 1.66 -20.01 -0.81
N THR A 234 2.58 -20.83 -0.87
N LYS B 1 9.38 -7.48 30.70
CA LYS B 1 9.72 -6.52 29.60
C LYS B 1 8.63 -6.56 28.54
N LEU B 2 8.41 -5.44 27.83
CA LEU B 2 7.17 -5.23 27.10
C LEU B 2 7.34 -4.70 25.69
N CYS B 3 6.47 -5.13 24.80
CA CYS B 3 6.46 -4.58 23.46
C CYS B 3 5.96 -3.12 23.40
N SER B 4 5.30 -2.66 24.46
CA SER B 4 4.79 -1.30 24.50
C SER B 4 5.83 -0.23 24.83
N LEU B 5 7.04 -0.64 25.18
CA LEU B 5 8.10 0.31 25.44
C LEU B 5 9.21 0.04 24.43
N ASP B 6 9.41 1.01 23.53
CA ASP B 6 10.42 0.91 22.47
C ASP B 6 10.30 -0.38 21.66
N ASN B 7 9.09 -0.86 21.48
CA ASN B 7 8.84 -2.10 20.69
C ASN B 7 9.69 -3.27 21.18
N GLY B 8 9.96 -3.32 22.48
CA GLY B 8 10.77 -4.39 23.06
C GLY B 8 12.21 -4.39 22.59
N ASP B 9 12.64 -3.25 22.05
CA ASP B 9 13.93 -3.08 21.35
C ASP B 9 14.03 -3.86 20.03
N CYS B 10 12.90 -4.37 19.48
CA CYS B 10 12.95 -5.14 18.28
C CYS B 10 12.97 -4.18 17.09
N ASP B 11 13.70 -4.54 16.04
CA ASP B 11 13.68 -3.75 14.83
C ASP B 11 12.32 -3.84 14.10
N GLN B 12 11.70 -5.01 14.12
CA GLN B 12 10.46 -5.27 13.42
C GLN B 12 9.41 -5.84 14.38
N PHE B 13 9.04 -7.11 14.25
CA PHE B 13 7.92 -7.62 15.06
C PHE B 13 8.36 -7.93 16.50
N CYS B 14 7.46 -7.64 17.44
CA CYS B 14 7.63 -7.91 18.85
C CYS B 14 6.40 -8.65 19.35
N HIS B 15 6.60 -9.70 20.12
CA HIS B 15 5.53 -10.39 20.83
C HIS B 15 5.98 -10.68 22.27
N GLU B 16 5.06 -10.53 23.20
CA GLU B 16 5.34 -10.73 24.63
C GLU B 16 5.15 -12.18 24.99
N GLU B 17 6.07 -12.68 25.81
CA GLU B 17 5.94 -13.95 26.53
C GLU B 17 5.73 -13.65 28.02
N GLN B 18 5.50 -14.70 28.81
CA GLN B 18 5.27 -14.58 30.25
C GLN B 18 6.14 -13.55 30.98
N ASN B 19 7.41 -13.44 30.58
CA ASN B 19 8.36 -12.55 31.27
C ASN B 19 9.20 -11.68 30.34
N SER B 20 9.29 -12.10 29.08
CA SER B 20 10.24 -11.59 28.13
C SER B 20 9.51 -11.16 26.86
N VAL B 21 10.26 -10.58 25.96
CA VAL B 21 9.77 -10.33 24.61
C VAL B 21 10.51 -11.25 23.63
N VAL B 22 9.88 -11.56 22.50
CA VAL B 22 10.52 -12.27 21.41
C VAL B 22 10.38 -11.41 20.16
N CYS B 23 11.51 -11.10 19.52
CA CYS B 23 11.51 -10.35 18.27
C CYS B 23 11.54 -11.28 17.09
N SER B 24 11.01 -10.80 15.96
CA SER B 24 11.08 -11.53 14.71
C SER B 24 11.07 -10.53 13.54
N CYS B 25 11.24 -11.07 12.34
CA CYS B 25 11.39 -10.27 11.13
C CYS B 25 10.58 -10.79 9.95
N ALA B 26 10.31 -9.90 9.02
CA ALA B 26 9.65 -10.24 7.78
C ALA B 26 10.54 -11.15 6.92
N ARG B 27 9.90 -11.86 5.99
CA ARG B 27 10.63 -12.65 4.99
C ARG B 27 11.66 -11.77 4.29
N GLY B 28 12.84 -12.34 4.02
CA GLY B 28 13.93 -11.57 3.42
C GLY B 28 14.86 -10.92 4.43
N TYR B 29 14.59 -11.16 5.72
CA TYR B 29 15.46 -10.71 6.80
C TYR B 29 15.70 -11.89 7.72
N THR B 30 16.85 -11.86 8.38
CA THR B 30 17.19 -12.82 9.44
C THR B 30 17.38 -12.07 10.75
N LEU B 31 16.80 -12.61 11.82
CA LEU B 31 16.96 -12.03 13.13
C LEU B 31 18.45 -12.15 13.53
N ALA B 32 19.02 -11.04 13.97
CA ALA B 32 20.44 -10.97 14.34
C ALA B 32 20.71 -11.78 15.61
N ASP B 33 21.99 -12.06 15.84
CA ASP B 33 22.40 -12.81 17.02
C ASP B 33 21.97 -12.16 18.35
N ASN B 34 21.85 -10.83 18.36
CA ASN B 34 21.42 -10.12 19.57
C ASN B 34 19.94 -10.29 19.87
N GLY B 35 19.21 -10.96 18.99
CA GLY B 35 17.78 -11.21 19.20
C GLY B 35 16.86 -10.05 18.95
N LYS B 36 17.39 -8.93 18.40
CA LYS B 36 16.65 -7.71 18.23
C LYS B 36 16.65 -7.16 16.78
N ALA B 37 17.84 -7.08 16.18
CA ALA B 37 17.99 -6.48 14.85
C ALA B 37 17.53 -7.43 13.73
N CYS B 38 17.12 -6.87 12.59
CA CYS B 38 16.70 -7.66 11.42
C CYS B 38 17.67 -7.33 10.29
N ILE B 39 18.34 -8.37 9.82
CA ILE B 39 19.43 -8.24 8.86
C ILE B 39 18.91 -8.68 7.47
N PRO B 40 18.93 -7.78 6.46
CA PRO B 40 18.48 -8.22 5.13
C PRO B 40 19.35 -9.34 4.57
N THR B 41 18.71 -10.28 3.87
CA THR B 41 19.45 -11.37 3.22
C THR B 41 19.78 -11.11 1.76
N GLY B 42 19.29 -10.02 1.21
CA GLY B 42 19.56 -9.69 -0.19
C GLY B 42 19.56 -8.19 -0.37
N PRO B 43 19.81 -7.74 -1.60
CA PRO B 43 19.98 -6.32 -1.87
C PRO B 43 18.70 -5.48 -1.96
N TYR B 44 17.56 -6.14 -2.15
CA TYR B 44 16.25 -5.47 -2.26
C TYR B 44 15.27 -6.07 -1.27
N PRO B 45 15.59 -5.97 0.03
CA PRO B 45 14.65 -6.47 1.03
C PRO B 45 13.32 -5.71 1.01
N CYS B 46 12.25 -6.38 1.43
CA CYS B 46 10.98 -5.74 1.45
C CYS B 46 11.03 -4.49 2.34
N GLY B 47 10.27 -3.49 1.91
CA GLY B 47 10.07 -2.32 2.78
C GLY B 47 11.20 -1.33 2.87
N LYS B 48 12.26 -1.54 2.09
CA LYS B 48 13.35 -0.58 2.08
C LYS B 48 13.34 0.23 0.80
N GLN B 49 13.46 1.54 0.95
CA GLN B 49 13.64 2.41 -0.18
C GLN B 49 14.96 2.06 -0.90
N THR B 50 15.00 2.23 -2.22
CA THR B 50 16.15 1.83 -3.02
C THR B 50 17.02 3.08 -3.19
N LEU B 51 17.82 3.40 -2.17
CA LEU B 51 18.57 4.66 -2.14
C LEU B 51 20.05 4.51 -2.46
N GLU B 52 20.59 3.31 -2.30
CA GLU B 52 21.96 3.07 -2.70
C GLU B 52 21.92 2.44 -4.08
N ARG B 53 22.20 3.25 -5.10
CA ARG B 53 22.29 2.76 -6.47
C ARG B 53 23.46 1.79 -6.57
N ARG B 54 23.15 0.51 -6.73
CA ARG B 54 24.14 -0.56 -6.80
C ARG B 54 24.83 -0.56 -8.12
CL1 Y5H C . -8.74 7.00 -0.82
C25 Y5H C . -9.68 7.80 -2.07
C24 Y5H C . -10.10 9.11 -2.09
C22 Y5H C . -10.87 9.37 -3.25
S1 Y5H C . -10.11 6.90 -3.49
C20 Y5H C . -10.95 8.28 -4.11
C17 Y5H C . -11.76 8.17 -5.32
N16 Y5H C . -12.01 7.08 -6.02
O10 Y5H C . -12.53 9.24 -5.65
C9 Y5H C . -13.25 8.76 -6.74
C4 Y5H C . -12.93 7.48 -6.96
C1 Y5H C . -13.50 6.58 -8.03
N3 Y5H C . -14.62 7.20 -8.79
C7 Y5H C . -15.27 6.03 -9.43
C14 Y5H C . -14.39 5.71 -10.65
C15 Y5H C . -13.83 7.08 -11.05
C8 Y5H C . -14.16 8.05 -9.91
C5 Y5H C . -15.30 4.92 -8.38
C2 Y5H C . -14.18 5.32 -7.38
C6 Y5H C . -14.94 5.55 -6.09
O13 Y5H C . -14.49 5.85 -4.99
C11 Y5H C . -16.59 4.97 -7.60
O18 Y5H C . -17.73 4.71 -7.95
N12 Y5H C . -16.33 5.41 -6.27
C19 Y5H C . -17.33 5.58 -5.20
C21 Y5H C . -17.68 4.22 -4.58
C23 Y5H C . -18.59 4.58 -3.39
N29 Y5H C . -19.14 3.36 -2.66
C32 Y5H C . -19.97 2.53 -3.59
C31 Y5H C . -20.06 3.91 -1.59
C30 Y5H C . -18.07 2.52 -2.06
H24 Y5H C . -9.92 9.81 -1.33
H22 Y5H C . -11.31 10.30 -3.46
H9 Y5H C . -13.92 9.41 -7.25
H1 Y5H C . -12.71 6.26 -8.69
H7 Y5H C . -16.26 6.29 -9.75
H82 Y5H C . -13.30 8.64 -9.62
H81 Y5H C . -14.96 8.71 -10.22
H5 Y5H C . -15.15 3.94 -8.81
H2 Y5H C . -13.47 4.52 -7.26
H141 Y5H C . -14.99 5.28 -11.45
H142 Y5H C . -13.59 5.04 -10.39
H151 Y5H C . -14.31 7.41 -11.96
H152 Y5H C . -12.76 7.00 -11.21
H191 Y5H C . -18.21 6.03 -5.62
H192 Y5H C . -16.91 6.23 -4.45
H211 Y5H C . -16.78 3.72 -4.26
H212 Y5H C . -18.21 3.62 -5.31
H231 Y5H C . -19.42 5.16 -3.75
H232 Y5H C . -18.02 5.18 -2.70
H321 Y5H C . -20.58 3.18 -4.21
H322 Y5H C . -20.61 1.88 -3.02
H323 Y5H C . -19.34 1.93 -4.23
H311 Y5H C . -20.90 4.38 -2.06
H312 Y5H C . -19.53 4.61 -0.97
H313 Y5H C . -20.42 3.09 -0.98
H301 Y5H C . -18.07 2.64 -0.99
H302 Y5H C . -17.10 2.80 -2.44
H303 Y5H C . -18.24 1.47 -2.29
NA NA D . 8.71 6.42 -17.40
NA NA E . -11.42 16.07 3.86
#